data_2B7G
#
_entry.id   2B7G
#
_cell.length_a   1.000
_cell.length_b   1.000
_cell.length_c   1.000
_cell.angle_alpha   90.00
_cell.angle_beta   90.00
_cell.angle_gamma   90.00
#
_symmetry.space_group_name_H-M   'P 1'
#
_entity_poly.entity_id   1
_entity_poly.type   'polyribonucleotide'
_entity_poly.pdbx_seq_one_letter_code
;GGAGGCUCUGGCAGCUUUC
;
_entity_poly.pdbx_strand_id   A
#